data_1UPQ
#
_entry.id   1UPQ
#
_cell.length_a   93.547
_cell.length_b   93.547
_cell.length_c   28.786
_cell.angle_alpha   90.00
_cell.angle_beta   90.00
_cell.angle_gamma   90.00
#
_symmetry.space_group_name_H-M   'P 4 21 2'
#
loop_
_entity.id
_entity.type
_entity.pdbx_description
1 polymer PEPP1
2 non-polymer 'SULFATE ION'
3 water water
#
_entity_poly.entity_id   1
_entity_poly.type   'polypeptide(L)'
_entity_poly.pdbx_seq_one_letter_code
;NALRRDPNLPVHIRGWLHKQDSSGLRLWKRRWFVLSGHCLFYYKDSREESVLGSVLLPSYNIRPDGPGAPRGRRFTFTAE
HPGMRTYVLAADTLEDLRGWLRALGRASRAEGDDYGQPRSPAR
;
_entity_poly.pdbx_strand_id   A
#
# COMPACT_ATOMS: atom_id res chain seq x y z
N LEU A 3 0.77 -14.64 -1.93
CA LEU A 3 1.09 -14.87 -0.53
C LEU A 3 -0.19 -15.09 0.27
N ARG A 4 -0.06 -15.75 1.42
CA ARG A 4 -1.20 -16.04 2.28
C ARG A 4 -1.11 -15.24 3.56
N ARG A 5 -2.26 -14.78 4.04
CA ARG A 5 -2.22 -14.15 5.34
C ARG A 5 -2.44 -15.14 6.47
N ASP A 6 -1.68 -14.97 7.54
CA ASP A 6 -1.91 -15.71 8.78
C ASP A 6 -2.92 -14.97 9.64
N PRO A 7 -4.08 -15.58 9.84
CA PRO A 7 -5.18 -14.92 10.57
C PRO A 7 -4.76 -14.59 12.00
N ASN A 8 -3.78 -15.32 12.49
CA ASN A 8 -3.35 -15.21 13.88
C ASN A 8 -2.40 -14.04 14.11
N LEU A 9 -1.58 -13.71 13.14
CA LEU A 9 -0.53 -12.72 13.21
C LEU A 9 -1.06 -11.33 13.52
N PRO A 10 -0.40 -10.56 14.38
CA PRO A 10 -0.82 -9.18 14.61
C PRO A 10 -0.76 -8.37 13.32
N VAL A 11 -1.66 -7.40 13.24
CA VAL A 11 -1.69 -6.43 12.15
C VAL A 11 -1.07 -5.11 12.57
N HIS A 12 -0.14 -4.59 11.76
CA HIS A 12 0.54 -3.33 12.08
C HIS A 12 -0.32 -2.11 11.77
N ILE A 13 -1.08 -2.20 10.68
CA ILE A 13 -1.98 -1.16 10.22
C ILE A 13 -2.89 -1.74 9.14
N ARG A 14 -4.11 -1.23 9.04
CA ARG A 14 -4.97 -1.57 7.90
C ARG A 14 -5.87 -0.38 7.56
N GLY A 15 -6.44 -0.39 6.37
CA GLY A 15 -7.44 0.61 6.00
C GLY A 15 -7.48 0.89 4.52
N TRP A 16 -8.31 1.85 4.12
CA TRP A 16 -8.43 2.16 2.70
C TRP A 16 -7.21 2.91 2.16
N LEU A 17 -6.79 2.54 0.97
CA LEU A 17 -5.90 3.37 0.16
C LEU A 17 -6.38 3.33 -1.29
N HIS A 18 -6.19 4.42 -2.03
CA HIS A 18 -6.41 4.31 -3.48
C HIS A 18 -5.15 3.77 -4.15
N LYS A 19 -5.30 2.79 -5.04
CA LYS A 19 -4.19 2.24 -5.82
C LYS A 19 -4.35 2.61 -7.29
N GLN A 20 -3.29 3.15 -7.88
CA GLN A 20 -3.30 3.39 -9.34
C GLN A 20 -3.18 2.09 -10.10
N ASP A 21 -3.90 1.92 -11.22
CA ASP A 21 -3.82 0.67 -11.97
C ASP A 21 -2.53 0.61 -12.79
N SER A 22 -2.28 -0.51 -13.45
CA SER A 22 -1.01 -0.64 -14.18
C SER A 22 -1.25 -0.89 -15.66
N SER A 23 -2.42 -0.51 -16.15
CA SER A 23 -2.73 -0.65 -17.58
C SER A 23 -2.08 0.43 -18.42
N GLY A 24 -1.75 1.54 -17.77
CA GLY A 24 -1.24 2.71 -18.44
C GLY A 24 -2.25 3.84 -18.52
N LEU A 25 -3.51 3.56 -18.23
CA LEU A 25 -4.52 4.61 -18.26
C LEU A 25 -4.54 5.38 -16.93
N ARG A 26 -3.70 4.94 -16.01
CA ARG A 26 -3.51 5.56 -14.71
C ARG A 26 -4.82 5.87 -14.01
N LEU A 27 -5.65 4.85 -13.80
CA LEU A 27 -6.88 5.04 -13.03
C LEU A 27 -6.64 4.72 -11.55
N TRP A 28 -7.51 5.16 -10.66
CA TRP A 28 -7.42 4.74 -9.25
C TRP A 28 -8.56 3.81 -8.87
N LYS A 29 -8.26 2.87 -7.97
CA LYS A 29 -9.27 1.98 -7.41
C LYS A 29 -9.02 1.86 -5.90
N ARG A 30 -10.05 2.16 -5.13
CA ARG A 30 -10.01 2.07 -3.68
C ARG A 30 -9.93 0.60 -3.24
N ARG A 31 -8.89 0.26 -2.51
CA ARG A 31 -8.74 -1.09 -1.99
C ARG A 31 -8.54 -1.03 -0.47
N TRP A 32 -8.79 -2.16 0.17
CA TRP A 32 -8.55 -2.31 1.60
C TRP A 32 -7.23 -3.02 1.86
N PHE A 33 -6.30 -2.32 2.49
CA PHE A 33 -4.95 -2.86 2.66
C PHE A 33 -4.71 -3.28 4.11
N VAL A 34 -3.93 -4.33 4.27
CA VAL A 34 -3.56 -4.87 5.58
C VAL A 34 -2.06 -5.18 5.58
N LEU A 35 -1.34 -4.64 6.55
CA LEU A 35 0.08 -4.94 6.73
C LEU A 35 0.20 -5.90 7.93
N SER A 36 0.65 -7.11 7.65
CA SER A 36 0.79 -8.18 8.64
C SER A 36 2.13 -8.86 8.46
N GLY A 37 2.91 -9.03 9.51
CA GLY A 37 4.30 -9.45 9.37
C GLY A 37 5.04 -8.48 8.45
N HIS A 38 5.72 -9.01 7.42
CA HIS A 38 6.43 -8.12 6.51
C HIS A 38 5.78 -8.12 5.14
N CYS A 39 4.49 -8.40 5.14
CA CYS A 39 3.70 -8.47 3.92
C CYS A 39 2.56 -7.48 3.89
N LEU A 40 2.29 -6.95 2.70
CA LEU A 40 1.13 -6.10 2.45
C LEU A 40 0.11 -6.91 1.65
N PHE A 41 -1.11 -6.96 2.14
CA PHE A 41 -2.23 -7.62 1.46
C PHE A 41 -3.27 -6.57 1.10
N TYR A 42 -3.97 -6.80 -0.01
CA TYR A 42 -5.16 -5.99 -0.22
C TYR A 42 -6.34 -6.86 -0.66
N TYR A 43 -7.50 -6.29 -0.39
CA TYR A 43 -8.81 -6.92 -0.49
C TYR A 43 -9.77 -5.96 -1.17
N LYS A 44 -10.91 -6.51 -1.59
CA LYS A 44 -11.95 -5.67 -2.17
C LYS A 44 -12.50 -4.65 -1.18
N ASP A 45 -12.62 -5.05 0.09
CA ASP A 45 -13.25 -4.19 1.08
C ASP A 45 -12.82 -4.63 2.49
N SER A 46 -13.44 -4.03 3.50
CA SER A 46 -12.95 -4.15 4.88
C SER A 46 -13.32 -5.49 5.49
N ARG A 47 -14.05 -6.34 4.78
CA ARG A 47 -14.33 -7.69 5.27
C ARG A 47 -13.08 -8.56 5.31
N GLU A 48 -12.07 -8.19 4.52
CA GLU A 48 -10.80 -8.93 4.50
C GLU A 48 -11.02 -10.39 4.15
N GLU A 49 -11.85 -10.59 3.13
CA GLU A 49 -12.15 -11.91 2.58
C GLU A 49 -11.59 -12.02 1.16
N SER A 50 -10.67 -12.94 0.95
CA SER A 50 -10.00 -13.26 -0.28
C SER A 50 -9.00 -12.19 -0.70
N VAL A 51 -7.72 -12.52 -0.50
CA VAL A 51 -6.65 -11.62 -0.90
C VAL A 51 -6.68 -11.38 -2.41
N LEU A 52 -6.69 -10.12 -2.84
CA LEU A 52 -6.68 -9.81 -4.27
C LEU A 52 -5.28 -9.52 -4.79
N GLY A 53 -4.40 -9.13 -3.88
CA GLY A 53 -3.01 -8.87 -4.22
C GLY A 53 -2.16 -8.86 -2.97
N SER A 54 -0.86 -9.09 -3.14
CA SER A 54 0.02 -9.11 -1.97
C SER A 54 1.44 -8.73 -2.41
N VAL A 55 2.21 -8.20 -1.47
CA VAL A 55 3.58 -7.81 -1.65
C VAL A 55 4.44 -8.28 -0.48
N LEU A 56 5.54 -8.93 -0.79
CA LEU A 56 6.59 -9.17 0.19
C LEU A 56 7.48 -7.95 0.29
N LEU A 57 7.35 -7.19 1.37
CA LEU A 57 7.99 -5.88 1.46
C LEU A 57 9.48 -5.84 1.74
N PRO A 58 10.18 -6.79 2.33
CA PRO A 58 11.62 -6.58 2.60
C PRO A 58 12.46 -6.13 1.44
N SER A 59 12.14 -6.40 0.17
CA SER A 59 13.02 -5.90 -0.88
C SER A 59 12.61 -4.53 -1.40
N TYR A 60 11.49 -4.00 -0.95
CA TYR A 60 10.94 -2.79 -1.56
C TYR A 60 11.50 -1.54 -0.89
N ASN A 61 11.47 -0.43 -1.63
CA ASN A 61 11.68 0.90 -1.08
C ASN A 61 10.41 1.73 -1.18
N ILE A 62 10.06 2.41 -0.10
CA ILE A 62 8.81 3.15 -0.09
C ILE A 62 9.07 4.62 0.22
N ARG A 63 8.58 5.47 -0.69
CA ARG A 63 8.90 6.89 -0.56
C ARG A 63 7.66 7.72 -0.84
N PRO A 64 7.49 8.81 -0.10
CA PRO A 64 6.39 9.72 -0.42
C PRO A 64 6.70 10.47 -1.71
N ASP A 65 5.66 10.90 -2.41
CA ASP A 65 5.84 11.55 -3.70
C ASP A 65 6.04 13.05 -3.54
N GLY A 66 5.82 13.56 -2.33
CA GLY A 66 6.23 14.91 -1.98
C GLY A 66 5.13 15.92 -2.28
N PRO A 67 5.43 17.20 -2.11
CA PRO A 67 4.44 18.27 -2.27
C PRO A 67 3.93 18.37 -3.69
N GLY A 68 2.76 19.02 -3.84
CA GLY A 68 2.33 19.52 -5.12
C GLY A 68 1.33 18.63 -5.83
N ALA A 69 0.93 17.55 -5.16
CA ALA A 69 0.03 16.56 -5.73
C ALA A 69 0.41 16.16 -7.16
N PRO A 70 1.66 15.76 -7.37
CA PRO A 70 2.12 15.53 -8.75
C PRO A 70 1.32 14.44 -9.45
N ARG A 71 0.78 13.47 -8.72
CA ARG A 71 0.02 12.40 -9.34
C ARG A 71 -1.47 12.73 -9.45
N GLY A 72 -1.86 13.96 -9.14
CA GLY A 72 -3.24 14.37 -9.31
C GLY A 72 -4.10 14.18 -8.09
N ARG A 73 -3.58 13.51 -7.06
CA ARG A 73 -4.18 13.55 -5.73
C ARG A 73 -3.12 13.87 -4.68
N ARG A 74 -3.57 14.31 -3.51
CA ARG A 74 -2.67 14.56 -2.39
C ARG A 74 -2.25 13.25 -1.72
N PHE A 75 -1.18 13.32 -0.95
CA PHE A 75 -0.78 12.24 -0.04
C PHE A 75 -0.50 10.93 -0.76
N THR A 76 0.23 10.99 -1.88
CA THR A 76 0.59 9.76 -2.58
C THR A 76 2.01 9.32 -2.24
N PHE A 77 2.25 8.03 -2.42
CA PHE A 77 3.54 7.43 -2.12
C PHE A 77 3.71 6.20 -3.01
N THR A 78 4.96 5.80 -3.20
CA THR A 78 5.30 4.80 -4.21
C THR A 78 6.16 3.71 -3.58
N ALA A 79 5.73 2.46 -3.69
CA ALA A 79 6.54 1.34 -3.24
C ALA A 79 7.10 0.65 -4.48
N GLU A 80 8.43 0.59 -4.58
CA GLU A 80 9.05 0.09 -5.80
C GLU A 80 10.23 -0.83 -5.51
N HIS A 81 10.50 -1.72 -6.47
CA HIS A 81 11.75 -2.47 -6.59
C HIS A 81 11.91 -2.93 -8.04
N PRO A 82 13.01 -2.63 -8.70
CA PRO A 82 13.16 -2.95 -10.12
C PRO A 82 12.89 -4.42 -10.42
N GLY A 83 12.10 -4.68 -11.45
CA GLY A 83 11.70 -6.03 -11.83
C GLY A 83 10.50 -6.53 -11.07
N MET A 84 10.04 -5.78 -10.07
CA MET A 84 8.83 -6.13 -9.32
C MET A 84 7.74 -5.09 -9.55
N ARG A 85 6.49 -5.48 -9.28
CA ARG A 85 5.36 -4.60 -9.53
C ARG A 85 5.44 -3.37 -8.64
N THR A 86 5.23 -2.19 -9.24
CA THR A 86 5.24 -0.96 -8.44
C THR A 86 3.87 -0.74 -7.82
N TYR A 87 3.82 -0.33 -6.57
CA TYR A 87 2.55 0.06 -5.95
C TYR A 87 2.51 1.58 -5.80
N VAL A 88 1.55 2.21 -6.47
CA VAL A 88 1.32 3.64 -6.40
C VAL A 88 0.04 3.88 -5.60
N LEU A 89 0.18 4.51 -4.44
CA LEU A 89 -0.86 4.50 -3.42
C LEU A 89 -1.18 5.93 -2.96
N ALA A 90 -2.43 6.14 -2.56
CA ALA A 90 -2.86 7.44 -2.03
C ALA A 90 -3.66 7.27 -0.74
N ALA A 91 -3.24 8.01 0.28
CA ALA A 91 -3.91 8.07 1.57
C ALA A 91 -4.95 9.19 1.57
N ASP A 92 -5.88 9.14 2.53
CA ASP A 92 -6.96 10.13 2.53
C ASP A 92 -6.56 11.39 3.27
N THR A 93 -5.66 11.28 4.25
CA THR A 93 -5.20 12.44 4.99
C THR A 93 -3.70 12.32 5.31
N LEU A 94 -3.15 13.41 5.84
CA LEU A 94 -1.75 13.43 6.25
C LEU A 94 -1.43 12.42 7.35
N GLU A 95 -2.30 12.31 8.36
CA GLU A 95 -2.10 11.41 9.48
C GLU A 95 -2.12 9.94 9.04
N ASP A 96 -3.00 9.64 8.11
CA ASP A 96 -3.08 8.40 7.35
C ASP A 96 -1.78 8.08 6.64
N LEU A 97 -1.29 9.07 5.89
CA LEU A 97 -0.01 8.92 5.22
C LEU A 97 1.11 8.61 6.21
N ARG A 98 1.15 9.33 7.32
CA ARG A 98 2.20 9.14 8.32
C ARG A 98 2.22 7.71 8.84
N GLY A 99 1.06 7.19 9.23
CA GLY A 99 1.03 5.83 9.77
C GLY A 99 1.44 4.79 8.76
N TRP A 100 0.97 4.93 7.52
CA TRP A 100 1.36 3.98 6.48
C TRP A 100 2.85 4.04 6.17
N LEU A 101 3.45 5.22 6.00
CA LEU A 101 4.87 5.31 5.69
C LEU A 101 5.71 4.72 6.81
N ARG A 102 5.27 4.93 8.05
CA ARG A 102 5.97 4.33 9.19
C ARG A 102 5.94 2.82 9.13
N ALA A 103 4.74 2.26 8.92
CA ALA A 103 4.59 0.81 8.95
C ALA A 103 5.32 0.17 7.78
N LEU A 104 5.21 0.80 6.60
CA LEU A 104 5.84 0.20 5.42
C LEU A 104 7.35 0.28 5.52
N GLY A 105 7.84 1.33 6.17
CA GLY A 105 9.28 1.48 6.37
C GLY A 105 9.80 0.37 7.25
N ARG A 106 9.05 0.07 8.32
CA ARG A 106 9.54 -0.97 9.23
C ARG A 106 9.51 -2.32 8.54
N ALA A 107 8.47 -2.55 7.72
CA ALA A 107 8.36 -3.85 7.08
C ALA A 107 9.44 -4.04 6.02
N SER A 108 9.89 -2.94 5.43
CA SER A 108 10.88 -3.06 4.37
C SER A 108 12.30 -2.95 4.91
N ARG A 109 12.46 -2.77 6.21
CA ARG A 109 13.81 -2.66 6.76
C ARG A 109 14.11 -3.80 7.72
#